data_8BPD
#
_entry.id   8BPD
#
_cell.length_a   105.416
_cell.length_b   105.416
_cell.length_c   78.247
_cell.angle_alpha   90.000
_cell.angle_beta   90.000
_cell.angle_gamma   120.000
#
_symmetry.space_group_name_H-M   'P 63'
#
loop_
_entity.id
_entity.type
_entity.pdbx_description
1 polymer 'Glycosyl hydrolase'
2 non-polymer '(2S)-3-(cyclohexylamino)-2-hydroxypropane-1-sulfonic acid'
3 non-polymer 1,2-ETHANEDIOL
4 non-polymer 'CALCIUM ION'
5 water water
#
_entity_poly.entity_id   1
_entity_poly.type   'polypeptide(L)'
_entity_poly.pdbx_seq_one_letter_code
;MKQQLITIIFALGILNISAQTSSDSKWLSGSWGVRLIVEGGVELDKASSYSDWVKGAQNIVDNLPTVGHVFTNFTHRAHG
YWFTLRENPYVDVAKEIHPEFVPSLENEKIILDVIDILHKGGKKVILYIATDGPSARSGTRNNAEYKAAWENYYNAKFDG
DEGLAYRTLCKGYIERFKGLADGYWLDHVGGIAGELTDFIDMIREVDPSVMIASNGIVENESSNKSKYFKDENGDDLEVD
SDGTNDPDGRKYKIRSFNLNGSYVDFTSGHPTPLAWGAPPNSWAYEEFTFPEIVDAMASYDPVKHTIKHAWMPMRMKWTS
PRANLMFDVEQAYRFVRTLTDGGCAITWGNTQTNGSMTKEEMDIMKEVDRRLRMRPMPDYIPYKRPAGAKLVGETKTKD
;
_entity_poly.pdbx_strand_id   A
#
# COMPACT_ATOMS: atom_id res chain seq x y z
N SER A 25 14.16 -0.43 -11.77
CA SER A 25 13.60 0.43 -10.72
C SER A 25 12.63 1.44 -11.33
N LYS A 26 13.09 2.00 -12.46
CA LYS A 26 12.48 3.18 -13.07
C LYS A 26 11.01 2.98 -13.46
N TRP A 27 10.52 1.72 -13.57
CA TRP A 27 9.15 1.49 -14.01
C TRP A 27 8.11 2.17 -13.13
N LEU A 28 8.43 2.37 -11.85
CA LEU A 28 7.47 3.00 -10.96
C LEU A 28 7.34 4.49 -11.21
N SER A 29 8.40 5.14 -11.68
CA SER A 29 8.31 6.56 -11.96
C SER A 29 7.29 6.82 -13.08
N GLY A 30 6.33 7.71 -12.81
CA GLY A 30 5.31 8.03 -13.79
C GLY A 30 4.19 7.01 -13.92
N SER A 31 4.14 6.02 -13.04
CA SER A 31 3.16 4.94 -13.10
C SER A 31 1.96 5.23 -12.20
N TRP A 32 0.76 4.91 -12.65
CA TRP A 32 -0.40 4.94 -11.76
C TRP A 32 -0.94 3.54 -11.61
N GLY A 33 -1.57 3.30 -10.44
CA GLY A 33 -1.93 1.95 -10.08
C GLY A 33 -3.21 1.88 -9.29
N VAL A 34 -3.71 0.65 -9.17
CA VAL A 34 -4.93 0.35 -8.45
C VAL A 34 -4.65 -0.81 -7.52
N ARG A 35 -5.57 -1.02 -6.59
CA ARG A 35 -5.44 -2.09 -5.61
C ARG A 35 -6.45 -3.19 -5.96
N LEU A 36 -5.99 -4.44 -5.95
CA LEU A 36 -6.82 -5.65 -6.01
C LEU A 36 -6.59 -6.42 -4.72
N ILE A 37 -7.45 -6.19 -3.74
CA ILE A 37 -7.33 -6.88 -2.48
C ILE A 37 -7.61 -8.37 -2.67
N VAL A 38 -6.69 -9.20 -2.20
CA VAL A 38 -6.88 -10.65 -2.11
C VAL A 38 -6.77 -11.03 -0.64
N GLU A 39 -7.75 -11.77 -0.15
CA GLU A 39 -7.77 -12.18 1.25
C GLU A 39 -6.74 -13.29 1.48
N GLY A 40 -6.48 -13.59 2.76
CA GLY A 40 -5.48 -14.58 3.11
C GLY A 40 -6.01 -15.58 4.13
N GLY A 41 -5.24 -16.65 4.33
CA GLY A 41 -5.52 -17.57 5.42
C GLY A 41 -6.91 -18.15 5.34
N VAL A 42 -7.48 -18.42 6.52
CA VAL A 42 -8.83 -18.96 6.58
C VAL A 42 -9.82 -17.97 6.00
N GLU A 43 -9.51 -16.67 6.01
CA GLU A 43 -10.44 -15.71 5.44
C GLU A 43 -10.56 -15.89 3.93
N LEU A 44 -9.46 -16.26 3.27
CA LEU A 44 -9.54 -16.57 1.84
C LEU A 44 -10.37 -17.82 1.59
N ASP A 45 -10.18 -18.86 2.41
CA ASP A 45 -10.98 -20.07 2.28
C ASP A 45 -12.46 -19.74 2.38
N LYS A 46 -12.83 -18.93 3.39
CA LYS A 46 -14.24 -18.59 3.57
C LYS A 46 -14.75 -17.75 2.41
N ALA A 47 -13.93 -16.86 1.88
CA ALA A 47 -14.37 -15.96 0.82
C ALA A 47 -14.33 -16.58 -0.56
N SER A 48 -13.64 -17.71 -0.74
CA SER A 48 -13.43 -18.25 -2.07
C SER A 48 -14.73 -18.68 -2.74
N SER A 49 -15.72 -19.17 -1.97
CA SER A 49 -16.92 -19.73 -2.58
C SER A 49 -17.73 -18.68 -3.31
N TYR A 50 -17.66 -17.42 -2.88
CA TYR A 50 -18.48 -16.36 -3.46
C TYR A 50 -17.66 -15.22 -4.06
N SER A 51 -16.35 -15.41 -4.26
CA SER A 51 -15.47 -14.39 -4.81
C SER A 51 -14.68 -14.99 -5.95
N ASP A 52 -14.29 -14.12 -6.89
CA ASP A 52 -13.51 -14.55 -8.05
C ASP A 52 -12.46 -13.48 -8.34
N TRP A 53 -11.29 -13.65 -7.74
CA TRP A 53 -10.21 -12.67 -7.89
C TRP A 53 -9.53 -12.77 -9.26
N VAL A 54 -9.66 -13.92 -9.92
CA VAL A 54 -9.16 -14.04 -11.28
C VAL A 54 -9.94 -13.11 -12.17
N LYS A 55 -11.27 -13.14 -12.07
CA LYS A 55 -12.10 -12.17 -12.78
C LYS A 55 -11.69 -10.74 -12.45
N GLY A 56 -11.42 -10.47 -11.18
CA GLY A 56 -11.09 -9.12 -10.78
C GLY A 56 -9.80 -8.65 -11.40
N ALA A 57 -8.83 -9.56 -11.50
CA ALA A 57 -7.56 -9.23 -12.11
C ALA A 57 -7.75 -9.01 -13.61
N GLN A 58 -8.46 -9.92 -14.27
CA GLN A 58 -8.75 -9.76 -15.69
C GLN A 58 -9.52 -8.48 -15.95
N ASN A 59 -10.40 -8.11 -15.03
CA ASN A 59 -11.20 -6.89 -15.14
C ASN A 59 -10.29 -5.66 -15.19
N ILE A 60 -9.26 -5.64 -14.36
CA ILE A 60 -8.30 -4.53 -14.37
C ILE A 60 -7.54 -4.50 -15.69
N VAL A 61 -7.03 -5.66 -16.12
CA VAL A 61 -6.27 -5.70 -17.37
C VAL A 61 -7.11 -5.21 -18.54
N ASP A 62 -8.39 -5.64 -18.60
CA ASP A 62 -9.21 -5.37 -19.77
C ASP A 62 -9.66 -3.92 -19.84
N ASN A 63 -9.88 -3.30 -18.69
CA ASN A 63 -10.47 -1.98 -18.65
C ASN A 63 -9.47 -0.85 -18.38
N LEU A 64 -8.30 -1.16 -17.85
CA LEU A 64 -7.34 -0.14 -17.42
C LEU A 64 -5.99 -0.32 -18.11
N PRO A 65 -5.92 -0.19 -19.43
CA PRO A 65 -4.64 -0.42 -20.11
C PRO A 65 -3.52 0.53 -19.69
N THR A 66 -3.83 1.75 -19.27
CA THR A 66 -2.79 2.72 -18.93
C THR A 66 -2.22 2.49 -17.55
N VAL A 67 -2.86 1.66 -16.72
CA VAL A 67 -2.39 1.42 -15.37
C VAL A 67 -1.05 0.71 -15.46
N GLY A 68 -0.08 1.14 -14.65
CA GLY A 68 1.24 0.55 -14.72
C GLY A 68 1.48 -0.55 -13.69
N HIS A 69 0.79 -0.49 -12.55
CA HIS A 69 1.07 -1.39 -11.47
C HIS A 69 -0.19 -1.63 -10.64
N VAL A 70 -0.19 -2.73 -9.90
CA VAL A 70 -1.32 -3.15 -9.07
C VAL A 70 -0.78 -3.59 -7.73
N PHE A 71 -1.39 -3.10 -6.66
CA PHE A 71 -1.08 -3.54 -5.31
C PHE A 71 -2.02 -4.72 -4.97
N THR A 72 -1.45 -5.83 -4.51
CA THR A 72 -2.26 -6.93 -3.99
C THR A 72 -1.50 -7.52 -2.80
N ASN A 73 -1.70 -8.80 -2.48
CA ASN A 73 -1.49 -9.25 -1.10
C ASN A 73 -0.56 -10.44 -0.95
N PHE A 74 0.43 -10.28 -0.05
CA PHE A 74 1.24 -11.36 0.52
C PHE A 74 0.62 -11.84 1.84
N THR A 75 0.22 -10.91 2.70
CA THR A 75 -0.72 -11.17 3.78
C THR A 75 -2.03 -10.49 3.47
N HIS A 76 -3.03 -10.97 4.19
CA HIS A 76 -4.32 -10.32 4.29
C HIS A 76 -4.15 -8.87 4.71
N ARG A 77 -5.02 -8.02 4.19
CA ARG A 77 -5.04 -6.62 4.58
C ARG A 77 -5.00 -6.49 6.09
N ALA A 78 -4.00 -5.77 6.57
CA ALA A 78 -3.88 -5.38 7.97
C ALA A 78 -3.86 -6.58 8.93
N HIS A 79 -3.51 -7.78 8.48
CA HIS A 79 -3.44 -8.91 9.42
C HIS A 79 -2.22 -9.77 9.12
N GLY A 80 -1.28 -9.82 10.05
CA GLY A 80 -0.03 -10.49 9.76
C GLY A 80 -0.03 -11.99 9.92
N TYR A 81 -1.14 -12.60 10.34
CA TYR A 81 -1.17 -14.04 10.52
C TYR A 81 -1.95 -14.76 9.45
N TRP A 82 -2.40 -14.06 8.40
CA TRP A 82 -3.12 -14.69 7.29
C TRP A 82 -2.36 -14.45 5.98
N PHE A 83 -1.91 -15.53 5.34
CA PHE A 83 -1.07 -15.48 4.15
C PHE A 83 -1.82 -15.91 2.90
N THR A 84 -1.42 -15.38 1.74
CA THR A 84 -2.08 -15.77 0.50
C THR A 84 -1.50 -17.04 -0.12
N LEU A 85 -0.30 -17.46 0.28
CA LEU A 85 0.26 -18.75 -0.13
C LEU A 85 0.16 -19.72 1.04
N ARG A 86 0.16 -21.03 0.72
CA ARG A 86 0.16 -22.09 1.72
C ARG A 86 1.53 -22.75 1.84
N GLU A 87 1.96 -23.49 0.83
CA GLU A 87 3.20 -24.26 0.94
C GLU A 87 4.40 -23.35 1.09
N ASN A 88 5.40 -23.85 1.81
CA ASN A 88 6.49 -23.02 2.22
C ASN A 88 7.67 -23.96 2.39
N PRO A 89 8.81 -23.66 1.77
CA PRO A 89 9.94 -24.61 1.81
C PRO A 89 10.53 -24.78 3.18
N TYR A 90 10.28 -23.88 4.13
CA TYR A 90 10.90 -23.96 5.43
C TYR A 90 9.97 -24.40 6.55
N VAL A 91 8.67 -24.46 6.31
CA VAL A 91 7.72 -24.79 7.38
C VAL A 91 6.41 -25.25 6.75
N ASP A 92 5.84 -26.31 7.31
CA ASP A 92 4.46 -26.72 7.04
C ASP A 92 3.58 -25.95 8.03
N VAL A 93 3.04 -24.82 7.60
CA VAL A 93 2.43 -23.89 8.54
C VAL A 93 1.21 -24.52 9.20
N ALA A 94 0.39 -25.21 8.41
CA ALA A 94 -0.81 -25.84 8.93
C ALA A 94 -0.50 -26.86 10.03
N LYS A 95 0.51 -27.72 9.80
CA LYS A 95 0.83 -28.74 10.81
C LYS A 95 1.68 -28.21 11.95
N GLU A 96 2.62 -27.30 11.67
CA GLU A 96 3.56 -26.86 12.68
C GLU A 96 3.11 -25.63 13.44
N ILE A 97 2.24 -24.80 12.86
CA ILE A 97 1.86 -23.54 13.51
C ILE A 97 0.35 -23.49 13.71
N HIS A 98 -0.40 -23.23 12.65
CA HIS A 98 -1.84 -23.10 12.80
C HIS A 98 -2.51 -23.19 11.43
N PRO A 99 -3.52 -24.05 11.25
CA PRO A 99 -4.09 -24.25 9.91
C PRO A 99 -4.77 -23.03 9.34
N GLU A 100 -5.29 -22.14 10.19
CA GLU A 100 -5.95 -20.94 9.71
C GLU A 100 -5.00 -19.86 9.20
N PHE A 101 -3.69 -20.03 9.37
CA PHE A 101 -2.75 -19.04 8.84
C PHE A 101 -2.64 -19.11 7.32
N VAL A 102 -2.98 -20.25 6.73
CA VAL A 102 -2.79 -20.47 5.30
C VAL A 102 -4.10 -20.92 4.66
N PRO A 103 -4.30 -20.61 3.39
CA PRO A 103 -5.47 -21.11 2.69
C PRO A 103 -5.22 -22.55 2.25
N SER A 104 -6.28 -23.15 1.70
CA SER A 104 -6.18 -24.49 1.15
C SER A 104 -5.18 -24.51 0.02
N LEU A 105 -4.76 -25.72 -0.33
CA LEU A 105 -3.79 -25.86 -1.42
C LEU A 105 -4.38 -25.36 -2.73
N GLU A 106 -5.67 -25.64 -2.96
CA GLU A 106 -6.35 -25.09 -4.13
C GLU A 106 -6.38 -23.55 -4.10
N ASN A 107 -6.67 -22.95 -2.94
CA ASN A 107 -6.89 -21.51 -2.89
C ASN A 107 -5.59 -20.72 -2.91
N GLU A 108 -4.46 -21.35 -2.58
CA GLU A 108 -3.17 -20.66 -2.73
C GLU A 108 -2.86 -20.35 -4.19
N LYS A 109 -3.54 -21.03 -5.13
CA LYS A 109 -3.34 -20.71 -6.54
C LYS A 109 -4.03 -19.43 -6.96
N ILE A 110 -4.88 -18.88 -6.10
CA ILE A 110 -5.57 -17.66 -6.47
C ILE A 110 -4.56 -16.55 -6.70
N ILE A 111 -3.71 -16.30 -5.72
CA ILE A 111 -2.76 -15.19 -5.85
C ILE A 111 -1.80 -15.44 -7.02
N LEU A 112 -1.42 -16.69 -7.22
CA LEU A 112 -0.53 -16.97 -8.34
C LEU A 112 -1.23 -16.67 -9.64
N ASP A 113 -2.50 -17.06 -9.77
CA ASP A 113 -3.20 -16.82 -11.03
C ASP A 113 -3.42 -15.34 -11.24
N VAL A 114 -3.72 -14.62 -10.17
CA VAL A 114 -3.86 -13.18 -10.25
C VAL A 114 -2.57 -12.56 -10.80
N ILE A 115 -1.43 -12.88 -10.18
CA ILE A 115 -0.16 -12.31 -10.65
C ILE A 115 0.09 -12.66 -12.10
N ASP A 116 -0.25 -13.89 -12.51
CA ASP A 116 -0.02 -14.28 -13.90
C ASP A 116 -0.83 -13.40 -14.85
N ILE A 117 -2.09 -13.16 -14.52
CA ILE A 117 -2.92 -12.31 -15.36
C ILE A 117 -2.35 -10.90 -15.41
N LEU A 118 -1.93 -10.37 -14.27
CA LEU A 118 -1.44 -9.00 -14.27
C LEU A 118 -0.14 -8.87 -15.05
N HIS A 119 0.78 -9.82 -14.86
CA HIS A 119 2.04 -9.81 -15.60
C HIS A 119 1.79 -9.98 -17.10
N LYS A 120 0.95 -10.95 -17.44
CA LYS A 120 0.60 -11.17 -18.84
C LYS A 120 -0.07 -9.93 -19.43
N GLY A 121 -0.69 -9.12 -18.58
CA GLY A 121 -1.29 -7.87 -19.02
C GLY A 121 -0.33 -6.70 -19.05
N GLY A 122 0.93 -6.92 -18.71
CA GLY A 122 1.94 -5.89 -18.69
C GLY A 122 1.99 -5.08 -17.43
N LYS A 123 1.37 -5.51 -16.35
CA LYS A 123 1.38 -4.77 -15.09
C LYS A 123 2.50 -5.27 -14.18
N LYS A 124 3.02 -4.35 -13.38
CA LYS A 124 3.91 -4.69 -12.27
C LYS A 124 3.06 -4.91 -11.02
N VAL A 125 3.59 -5.72 -10.10
CA VAL A 125 2.83 -6.23 -8.98
C VAL A 125 3.59 -5.94 -7.69
N ILE A 126 2.94 -5.21 -6.78
CA ILE A 126 3.47 -4.87 -5.47
C ILE A 126 2.63 -5.62 -4.44
N LEU A 127 3.30 -6.34 -3.54
CA LEU A 127 2.66 -7.20 -2.55
C LEU A 127 2.70 -6.57 -1.17
N TYR A 128 1.53 -6.50 -0.54
CA TYR A 128 1.37 -5.98 0.80
C TYR A 128 1.67 -7.04 1.86
N ILE A 129 2.43 -6.64 2.89
CA ILE A 129 2.77 -7.48 4.03
C ILE A 129 2.50 -6.69 5.32
N ALA A 130 1.61 -7.22 6.16
CA ALA A 130 1.47 -6.78 7.55
C ALA A 130 2.56 -7.45 8.38
N THR A 131 3.68 -6.75 8.61
CA THR A 131 4.90 -7.35 9.17
C THR A 131 4.84 -7.58 10.68
N ASP A 132 3.78 -7.17 11.39
CA ASP A 132 3.78 -7.52 12.80
C ASP A 132 3.38 -8.96 13.02
N GLY A 133 2.96 -9.66 11.98
CA GLY A 133 2.88 -11.10 12.00
C GLY A 133 1.89 -11.61 13.02
N PRO A 134 2.03 -12.88 13.43
CA PRO A 134 1.05 -13.48 14.35
C PRO A 134 1.06 -12.90 15.76
N SER A 135 2.16 -12.29 16.20
CA SER A 135 2.14 -11.68 17.54
C SER A 135 1.32 -10.40 17.58
N ALA A 136 1.07 -9.81 16.41
CA ALA A 136 0.13 -8.72 16.23
C ALA A 136 0.38 -7.54 17.16
N ARG A 137 1.65 -7.16 17.34
N ARG A 137 1.64 -7.14 17.33
CA ARG A 137 1.93 -6.08 18.30
CA ARG A 137 1.93 -6.07 18.30
C ARG A 137 1.51 -4.71 17.78
C ARG A 137 1.75 -4.67 17.74
N SER A 138 1.38 -4.56 16.47
CA SER A 138 1.00 -3.29 15.87
C SER A 138 -0.46 -3.40 15.39
N GLY A 139 -0.77 -3.03 14.15
CA GLY A 139 -2.15 -2.89 13.71
C GLY A 139 -2.92 -4.20 13.48
N THR A 140 -2.25 -5.36 13.45
CA THR A 140 -3.02 -6.59 13.30
C THR A 140 -3.95 -6.79 14.49
N ARG A 141 -5.21 -7.09 14.23
CA ARG A 141 -6.16 -7.37 15.32
C ARG A 141 -5.64 -8.49 16.22
N ASN A 142 -5.69 -8.27 17.53
CA ASN A 142 -5.17 -9.27 18.43
C ASN A 142 -6.03 -10.53 18.40
N ASN A 143 -5.36 -11.68 18.37
CA ASN A 143 -6.00 -12.98 18.38
C ASN A 143 -5.17 -13.86 19.30
N ALA A 144 -5.71 -14.14 20.48
CA ALA A 144 -4.88 -14.82 21.48
C ALA A 144 -4.49 -16.21 21.01
N GLU A 145 -5.41 -16.91 20.34
CA GLU A 145 -5.13 -18.27 19.91
C GLU A 145 -4.05 -18.29 18.84
N TYR A 146 -4.07 -17.32 17.95
CA TYR A 146 -3.08 -17.28 16.89
C TYR A 146 -1.70 -16.99 17.47
N LYS A 147 -1.65 -16.07 18.40
CA LYS A 147 -0.39 -15.70 19.02
C LYS A 147 0.21 -16.86 19.80
N ALA A 148 -0.63 -17.60 20.52
CA ALA A 148 -0.09 -18.74 21.28
C ALA A 148 0.46 -19.81 20.35
N ALA A 149 -0.23 -20.08 19.24
CA ALA A 149 0.24 -21.09 18.32
C ALA A 149 1.59 -20.69 17.74
N TRP A 150 1.72 -19.41 17.43
CA TRP A 150 2.96 -18.89 16.86
C TRP A 150 4.08 -18.98 17.87
N GLU A 151 3.81 -18.60 19.13
CA GLU A 151 4.82 -18.70 20.17
C GLU A 151 5.24 -20.14 20.40
N ASN A 152 4.29 -21.07 20.39
CA ASN A 152 4.66 -22.47 20.55
C ASN A 152 5.65 -22.90 19.48
N TYR A 153 5.43 -22.44 18.26
CA TYR A 153 6.31 -22.74 17.15
C TYR A 153 7.69 -22.12 17.35
N TYR A 154 7.76 -20.80 17.53
CA TYR A 154 9.09 -20.21 17.51
C TYR A 154 9.85 -20.56 18.77
N ASN A 155 9.16 -20.88 19.86
CA ASN A 155 9.90 -21.34 21.03
C ASN A 155 10.42 -22.76 20.85
N ALA A 156 9.69 -23.62 20.13
CA ALA A 156 10.11 -25.00 19.96
C ALA A 156 11.18 -25.14 18.86
N LYS A 157 11.07 -24.38 17.78
CA LYS A 157 11.98 -24.58 16.65
C LYS A 157 13.08 -23.55 16.52
N PHE A 158 12.90 -22.37 17.10
CA PHE A 158 13.86 -21.28 16.99
C PHE A 158 14.36 -20.82 18.35
N ASP A 159 14.15 -21.65 19.38
CA ASP A 159 14.51 -21.37 20.77
C ASP A 159 14.27 -19.93 21.18
N GLY A 160 13.07 -19.43 20.88
CA GLY A 160 12.61 -18.16 21.39
C GLY A 160 12.93 -16.97 20.51
N ASP A 161 13.69 -17.16 19.44
CA ASP A 161 14.08 -16.07 18.55
C ASP A 161 12.96 -15.86 17.52
N GLU A 162 12.00 -15.01 17.91
CA GLU A 162 10.86 -14.72 17.05
C GLU A 162 11.30 -14.06 15.76
N GLY A 163 12.26 -13.14 15.84
CA GLY A 163 12.71 -12.45 14.64
C GLY A 163 13.19 -13.43 13.58
N LEU A 164 14.06 -14.34 13.97
CA LEU A 164 14.55 -15.31 12.99
C LEU A 164 13.43 -16.23 12.52
N ALA A 165 12.50 -16.59 13.43
CA ALA A 165 11.37 -17.42 13.02
C ALA A 165 10.54 -16.70 11.98
N TYR A 166 10.25 -15.43 12.24
CA TYR A 166 9.40 -14.66 11.34
C TYR A 166 10.09 -14.41 10.01
N ARG A 167 11.39 -14.09 10.02
CA ARG A 167 12.10 -13.91 8.74
C ARG A 167 12.11 -15.20 7.93
N THR A 168 12.26 -16.34 8.60
CA THR A 168 12.34 -17.60 7.89
C THR A 168 10.98 -17.99 7.28
N LEU A 169 9.91 -17.88 8.07
CA LEU A 169 8.57 -18.09 7.52
C LEU A 169 8.37 -17.24 6.26
N CYS A 170 8.61 -15.94 6.39
CA CYS A 170 8.37 -15.06 5.26
C CYS A 170 9.32 -15.37 4.11
N LYS A 171 10.56 -15.73 4.42
CA LYS A 171 11.53 -16.02 3.36
C LYS A 171 10.99 -17.08 2.42
N GLY A 172 10.35 -18.12 2.97
CA GLY A 172 9.83 -19.19 2.14
C GLY A 172 8.86 -18.67 1.10
N TYR A 173 8.03 -17.70 1.47
CA TYR A 173 7.06 -17.14 0.55
C TYR A 173 7.72 -16.11 -0.36
N ILE A 174 8.64 -15.30 0.17
CA ILE A 174 9.42 -14.40 -0.70
C ILE A 174 10.07 -15.22 -1.80
N GLU A 175 10.65 -16.37 -1.42
CA GLU A 175 11.24 -17.25 -2.43
C GLU A 175 10.20 -17.71 -3.45
N ARG A 176 9.00 -18.05 -2.99
CA ARG A 176 7.98 -18.52 -3.93
C ARG A 176 7.51 -17.41 -4.84
N PHE A 177 7.49 -16.16 -4.36
CA PHE A 177 7.07 -15.02 -5.17
C PHE A 177 8.19 -14.43 -6.04
N LYS A 178 9.36 -15.05 -6.05
CA LYS A 178 10.46 -14.53 -6.84
C LYS A 178 10.08 -14.51 -8.32
N GLY A 179 10.25 -13.34 -8.96
CA GLY A 179 9.86 -13.15 -10.34
C GLY A 179 8.39 -12.84 -10.51
N LEU A 180 7.59 -13.02 -9.48
CA LEU A 180 6.17 -12.73 -9.47
C LEU A 180 5.89 -11.38 -8.82
N ALA A 181 6.38 -11.19 -7.60
CA ALA A 181 6.34 -9.88 -6.99
C ALA A 181 7.40 -8.99 -7.64
N ASP A 182 7.02 -7.78 -8.06
CA ASP A 182 7.99 -6.77 -8.45
C ASP A 182 8.34 -5.82 -7.33
N GLY A 183 7.55 -5.81 -6.26
CA GLY A 183 7.86 -5.03 -5.07
C GLY A 183 7.05 -5.50 -3.89
N TYR A 184 7.35 -4.87 -2.74
CA TYR A 184 6.77 -5.17 -1.45
C TYR A 184 6.50 -3.87 -0.73
N TRP A 185 5.38 -3.82 -0.04
CA TRP A 185 4.95 -2.65 0.74
C TRP A 185 4.75 -3.19 2.14
N LEU A 186 5.56 -2.73 3.09
CA LEU A 186 5.60 -3.31 4.43
C LEU A 186 4.83 -2.42 5.38
N ASP A 187 3.84 -3.00 6.04
CA ASP A 187 2.99 -2.31 7.01
C ASP A 187 3.28 -2.79 8.43
N HIS A 188 2.78 -2.03 9.38
CA HIS A 188 2.80 -2.41 10.81
C HIS A 188 4.22 -2.61 11.32
N VAL A 189 5.16 -1.82 10.79
CA VAL A 189 6.57 -2.18 10.94
C VAL A 189 7.04 -1.91 12.35
N GLY A 190 6.34 -1.07 13.10
CA GLY A 190 6.67 -0.86 14.50
C GLY A 190 6.46 -2.08 15.38
N GLY A 191 5.79 -3.10 14.87
CA GLY A 191 5.56 -4.31 15.62
C GLY A 191 6.28 -5.52 15.08
N ILE A 192 7.18 -5.36 14.10
CA ILE A 192 7.80 -6.51 13.47
C ILE A 192 8.64 -7.22 14.52
N ALA A 193 8.69 -8.54 14.42
CA ALA A 193 9.60 -9.33 15.24
C ALA A 193 11.03 -9.10 14.78
N GLY A 194 11.91 -8.85 15.71
CA GLY A 194 13.27 -8.57 15.31
C GLY A 194 13.39 -7.19 14.69
N GLU A 195 14.52 -6.97 14.03
CA GLU A 195 14.83 -5.69 13.40
C GLU A 195 14.22 -5.62 12.03
N LEU A 196 13.56 -4.50 11.74
CA LEU A 196 13.04 -4.28 10.39
C LEU A 196 14.15 -4.37 9.36
N THR A 197 15.34 -3.83 9.65
CA THR A 197 16.40 -3.86 8.65
C THR A 197 16.81 -5.29 8.33
N ASP A 198 16.83 -6.17 9.34
CA ASP A 198 17.11 -7.58 9.05
C ASP A 198 16.05 -8.18 8.15
N PHE A 199 14.79 -7.79 8.33
CA PHE A 199 13.73 -8.32 7.49
C PHE A 199 13.89 -7.86 6.05
N ILE A 200 14.17 -6.57 5.86
CA ILE A 200 14.41 -6.03 4.52
C ILE A 200 15.66 -6.65 3.90
N ASP A 201 16.72 -6.80 4.70
CA ASP A 201 17.90 -7.49 4.20
C ASP A 201 17.53 -8.88 3.67
N MET A 202 16.73 -9.63 4.43
CA MET A 202 16.30 -10.96 3.98
C MET A 202 15.60 -10.91 2.62
N ILE A 203 14.70 -9.94 2.44
CA ILE A 203 14.03 -9.84 1.14
C ILE A 203 15.06 -9.65 0.04
N ARG A 204 15.96 -8.68 0.20
CA ARG A 204 16.94 -8.38 -0.84
C ARG A 204 17.90 -9.54 -1.06
N GLU A 205 18.16 -10.32 -0.02
CA GLU A 205 18.97 -11.51 -0.20
C GLU A 205 18.28 -12.52 -1.10
N VAL A 206 16.95 -12.57 -1.07
CA VAL A 206 16.22 -13.51 -1.92
C VAL A 206 16.12 -12.99 -3.34
N ASP A 207 15.71 -11.73 -3.48
CA ASP A 207 15.50 -11.13 -4.79
C ASP A 207 15.96 -9.68 -4.69
N PRO A 208 17.20 -9.40 -5.07
CA PRO A 208 17.73 -8.03 -4.96
C PRO A 208 17.10 -7.05 -5.94
N SER A 209 16.25 -7.50 -6.85
CA SER A 209 15.68 -6.61 -7.84
C SER A 209 14.29 -6.08 -7.46
N VAL A 210 13.69 -6.53 -6.35
CA VAL A 210 12.36 -6.03 -6.04
C VAL A 210 12.45 -4.65 -5.42
N MET A 211 11.40 -3.86 -5.63
N MET A 211 11.45 -3.83 -5.68
CA MET A 211 11.25 -2.56 -5.01
CA MET A 211 11.31 -2.58 -4.99
C MET A 211 10.58 -2.68 -3.65
C MET A 211 10.71 -2.81 -3.61
N ILE A 212 11.12 -2.01 -2.65
CA ILE A 212 10.65 -2.12 -1.28
C ILE A 212 10.26 -0.74 -0.74
N ALA A 213 9.08 -0.67 -0.15
CA ALA A 213 8.61 0.48 0.60
C ALA A 213 8.28 0.00 2.01
N SER A 214 8.44 0.90 2.97
CA SER A 214 8.14 0.62 4.38
C SER A 214 7.32 1.77 4.93
N ASN A 215 6.18 1.43 5.56
CA ASN A 215 5.29 2.42 6.16
C ASN A 215 5.84 2.84 7.53
N GLY A 216 7.00 3.46 7.52
CA GLY A 216 7.61 4.01 8.71
C GLY A 216 9.01 3.47 8.95
N ILE A 217 9.65 4.09 9.95
CA ILE A 217 10.92 3.71 10.54
C ILE A 217 12.12 4.00 9.63
N VAL A 218 12.14 3.47 8.41
CA VAL A 218 13.34 3.56 7.57
C VAL A 218 13.15 4.49 6.39
N GLU A 219 12.01 5.16 6.27
CA GLU A 219 11.81 6.14 5.20
C GLU A 219 12.55 7.43 5.46
N ASN A 220 12.46 7.93 6.69
CA ASN A 220 12.98 9.26 7.00
C ASN A 220 14.45 9.08 7.33
N GLU A 221 15.31 9.57 6.43
CA GLU A 221 16.75 9.49 6.63
C GLU A 221 17.19 10.39 7.77
N SER A 222 16.46 11.47 8.03
CA SER A 222 16.88 12.50 8.98
C SER A 222 16.45 12.22 10.42
N SER A 223 15.31 11.55 10.61
CA SER A 223 14.74 11.42 11.96
C SER A 223 13.81 10.22 12.01
N ASN A 224 13.34 9.92 13.21
CA ASN A 224 12.37 8.87 13.43
C ASN A 224 10.99 9.41 13.84
N LYS A 225 10.83 10.72 13.85
CA LYS A 225 9.50 11.29 13.87
C LYS A 225 8.89 11.20 12.47
N SER A 226 7.57 11.24 12.42
CA SER A 226 6.90 11.35 11.13
C SER A 226 7.13 12.76 10.58
N LYS A 227 7.19 12.86 9.26
CA LYS A 227 7.58 14.09 8.59
C LYS A 227 6.33 14.86 8.18
N TYR A 228 6.16 16.06 8.73
CA TYR A 228 5.05 16.94 8.42
C TYR A 228 5.58 18.25 7.86
N PHE A 229 4.71 18.97 7.16
CA PHE A 229 5.07 20.31 6.72
C PHE A 229 5.10 21.25 7.90
N LYS A 230 6.03 22.22 7.87
CA LYS A 230 6.30 23.07 9.00
C LYS A 230 6.43 24.52 8.56
N ASP A 231 6.31 25.42 9.52
CA ASP A 231 6.49 26.84 9.27
C ASP A 231 7.93 27.23 9.60
N GLU A 232 8.19 28.53 9.57
CA GLU A 232 9.55 29.06 9.70
C GLU A 232 10.10 28.83 11.10
N ASN A 233 9.25 28.54 12.07
CA ASN A 233 9.71 28.25 13.41
C ASN A 233 9.87 26.76 13.67
N GLY A 234 9.61 25.93 12.67
CA GLY A 234 9.73 24.51 12.86
C GLY A 234 8.51 23.85 13.43
N ASP A 235 7.42 24.59 13.59
CA ASP A 235 6.16 24.04 14.07
C ASP A 235 5.35 23.48 12.91
N ASP A 236 4.65 22.39 13.19
CA ASP A 236 3.88 21.70 12.16
C ASP A 236 2.68 22.52 11.73
N LEU A 237 2.46 22.64 10.42
CA LEU A 237 1.20 23.15 9.90
C LEU A 237 0.05 22.21 10.25
N GLU A 238 -1.14 22.79 10.35
CA GLU A 238 -2.37 22.07 10.64
C GLU A 238 -3.48 22.61 9.78
N VAL A 239 -4.21 21.72 9.12
CA VAL A 239 -5.43 22.12 8.45
C VAL A 239 -6.48 22.39 9.52
N ASP A 240 -7.16 23.52 9.40
CA ASP A 240 -8.26 23.88 10.27
C ASP A 240 -9.58 23.42 9.67
N SER A 241 -9.83 23.83 8.43
CA SER A 241 -11.07 23.54 7.75
C SER A 241 -10.77 23.02 6.36
N ASP A 242 -11.56 22.06 5.92
CA ASP A 242 -11.49 21.58 4.56
C ASP A 242 -12.43 22.32 3.63
N GLY A 243 -13.17 23.29 4.13
CA GLY A 243 -14.11 24.05 3.33
C GLY A 243 -15.34 24.40 4.15
N THR A 244 -16.13 25.33 3.60
CA THR A 244 -17.25 25.90 4.33
C THR A 244 -18.15 24.84 4.94
N ASN A 245 -18.33 23.71 4.25
CA ASN A 245 -19.19 22.64 4.77
C ASN A 245 -18.38 21.40 5.18
N ASP A 246 -17.19 21.62 5.68
CA ASP A 246 -16.37 20.58 6.29
C ASP A 246 -17.21 19.77 7.28
N PRO A 247 -17.32 18.45 7.11
CA PRO A 247 -18.17 17.66 8.02
C PRO A 247 -17.50 17.25 9.32
N ASP A 248 -16.19 17.43 9.43
CA ASP A 248 -15.38 16.97 10.54
C ASP A 248 -14.48 18.14 10.91
N GLY A 249 -14.67 18.72 12.09
CA GLY A 249 -13.91 19.89 12.46
C GLY A 249 -12.54 19.63 12.99
N ARG A 250 -12.10 18.37 13.02
CA ARG A 250 -10.82 18.04 13.62
C ARG A 250 -9.70 18.60 12.75
N LYS A 251 -8.73 19.24 13.39
CA LYS A 251 -7.55 19.70 12.69
C LYS A 251 -6.57 18.55 12.51
N TYR A 252 -5.72 18.65 11.51
CA TYR A 252 -4.79 17.58 11.23
C TYR A 252 -3.52 18.11 10.57
N LYS A 253 -2.42 17.42 10.83
CA LYS A 253 -1.13 17.72 10.23
C LYS A 253 -1.04 17.15 8.82
N ILE A 254 -0.03 17.61 8.08
CA ILE A 254 0.08 17.34 6.65
C ILE A 254 1.36 16.56 6.41
N ARG A 255 1.23 15.30 6.03
CA ARG A 255 2.41 14.49 5.79
C ARG A 255 3.14 14.88 4.52
N SER A 256 4.47 14.80 4.61
CA SER A 256 5.38 14.92 3.48
C SER A 256 5.85 13.54 3.05
N PHE A 257 5.89 13.32 1.74
CA PHE A 257 6.46 12.11 1.17
C PHE A 257 7.88 12.31 0.64
N ASN A 258 8.54 13.40 1.00
CA ASN A 258 9.88 13.67 0.45
C ASN A 258 10.88 12.98 1.35
N LEU A 259 10.94 11.66 1.21
CA LEU A 259 11.63 10.78 2.14
C LEU A 259 12.59 9.94 1.34
N ASN A 260 13.85 9.88 1.76
CA ASN A 260 14.87 9.23 0.96
C ASN A 260 15.68 8.21 1.75
N GLY A 261 15.08 7.57 2.75
CA GLY A 261 15.82 6.57 3.50
C GLY A 261 16.54 5.55 2.63
N SER A 262 17.72 5.11 3.05
CA SER A 262 18.54 4.26 2.19
C SER A 262 18.02 2.84 2.07
N TYR A 263 17.26 2.36 3.05
CA TYR A 263 16.79 0.97 2.99
C TYR A 263 15.61 0.77 2.05
N VAL A 264 14.98 1.83 1.56
CA VAL A 264 13.79 1.68 0.74
C VAL A 264 14.01 2.27 -0.64
N ASP A 265 13.19 1.82 -1.59
CA ASP A 265 13.29 2.20 -2.99
C ASP A 265 12.21 3.17 -3.41
N PHE A 266 11.08 3.19 -2.72
CA PHE A 266 10.01 4.12 -3.04
C PHE A 266 9.29 4.44 -1.74
N THR A 267 8.61 5.57 -1.74
CA THR A 267 7.96 6.02 -0.52
C THR A 267 6.66 5.26 -0.33
N SER A 268 6.34 4.95 0.93
CA SER A 268 5.12 4.17 1.18
C SER A 268 3.90 4.92 0.69
N GLY A 269 3.88 6.24 0.87
CA GLY A 269 2.79 7.04 0.36
C GLY A 269 1.57 7.08 1.24
N HIS A 270 1.66 6.63 2.47
CA HIS A 270 0.53 6.63 3.37
C HIS A 270 0.28 8.06 3.82
N PRO A 271 -0.86 8.65 3.53
CA PRO A 271 -1.08 10.05 3.89
C PRO A 271 -1.42 10.19 5.37
N THR A 272 -1.76 11.40 5.80
CA THR A 272 -2.16 11.60 7.18
C THR A 272 -3.32 10.66 7.49
N PRO A 273 -3.30 9.95 8.62
CA PRO A 273 -4.30 8.90 8.84
C PRO A 273 -5.74 9.40 8.74
N LEU A 274 -6.56 8.60 8.07
CA LEU A 274 -7.98 8.89 7.96
C LEU A 274 -8.64 9.03 9.33
N ALA A 275 -8.27 8.16 10.27
CA ALA A 275 -8.91 8.17 11.58
C ALA A 275 -8.65 9.46 12.35
N TRP A 276 -7.68 10.27 11.93
CA TRP A 276 -7.43 11.56 12.56
C TRP A 276 -8.31 12.65 12.00
N GLY A 277 -9.08 12.35 10.97
CA GLY A 277 -9.92 13.34 10.33
C GLY A 277 -9.35 13.93 9.06
N ALA A 278 -8.21 13.43 8.57
CA ALA A 278 -7.61 13.90 7.33
C ALA A 278 -8.25 13.22 6.12
N PRO A 279 -9.04 13.93 5.31
CA PRO A 279 -9.66 13.27 4.17
C PRO A 279 -8.61 12.93 3.13
N PRO A 280 -8.78 11.81 2.43
CA PRO A 280 -7.74 11.39 1.46
C PRO A 280 -7.66 12.29 0.23
N ASN A 281 -8.67 13.14 0.00
CA ASN A 281 -8.67 14.09 -1.08
C ASN A 281 -8.32 15.49 -0.58
N SER A 282 -7.62 15.57 0.54
CA SER A 282 -7.33 16.84 1.22
C SER A 282 -6.72 17.86 0.28
N TRP A 283 -7.22 19.10 0.38
CA TRP A 283 -6.63 20.17 -0.41
C TRP A 283 -5.18 20.36 -0.05
N ALA A 284 -4.82 20.08 1.20
CA ALA A 284 -3.44 20.24 1.63
C ALA A 284 -2.49 19.31 0.89
N TYR A 285 -3.00 18.19 0.36
CA TYR A 285 -2.13 17.30 -0.41
C TYR A 285 -1.84 17.88 -1.78
N GLU A 286 -2.82 18.59 -2.35
CA GLU A 286 -2.65 19.29 -3.61
C GLU A 286 -1.79 20.54 -3.48
N GLU A 287 -1.80 21.17 -2.31
CA GLU A 287 -1.05 22.40 -2.09
C GLU A 287 0.33 22.18 -1.51
N PHE A 288 0.53 21.10 -0.75
CA PHE A 288 1.79 20.86 -0.07
C PHE A 288 2.44 19.55 -0.50
N THR A 289 1.79 18.43 -0.21
CA THR A 289 2.43 17.13 -0.34
C THR A 289 2.81 16.86 -1.79
N PHE A 290 1.87 17.03 -2.70
CA PHE A 290 2.16 16.63 -4.08
C PHE A 290 3.15 17.59 -4.72
N PRO A 291 2.97 18.91 -4.64
CA PRO A 291 3.96 19.80 -5.29
C PRO A 291 5.38 19.54 -4.79
N GLU A 292 5.54 19.26 -3.50
CA GLU A 292 6.86 18.98 -2.97
C GLU A 292 7.51 17.80 -3.65
N ILE A 293 6.78 16.69 -3.83
CA ILE A 293 7.46 15.53 -4.41
C ILE A 293 7.51 15.63 -5.94
N VAL A 294 6.60 16.37 -6.57
CA VAL A 294 6.78 16.64 -7.99
C VAL A 294 8.07 17.41 -8.20
N ASP A 295 8.32 18.39 -7.35
CA ASP A 295 9.56 19.15 -7.47
C ASP A 295 10.77 18.27 -7.14
N ALA A 296 10.63 17.37 -6.18
CA ALA A 296 11.74 16.46 -5.85
C ALA A 296 12.09 15.58 -7.05
N MET A 297 11.09 15.04 -7.73
CA MET A 297 11.37 14.12 -8.83
C MET A 297 11.93 14.87 -10.03
N ALA A 298 11.68 16.18 -10.10
CA ALA A 298 12.27 16.98 -11.17
C ALA A 298 13.78 16.98 -11.07
N SER A 299 14.32 16.62 -9.91
CA SER A 299 15.75 16.47 -9.72
C SER A 299 16.12 15.06 -9.32
N TYR A 300 15.28 14.08 -9.65
CA TYR A 300 15.53 12.72 -9.23
C TYR A 300 16.93 12.23 -9.60
N ASP A 301 17.66 11.75 -8.60
CA ASP A 301 18.98 11.14 -8.78
C ASP A 301 18.89 9.77 -8.13
N PRO A 302 18.89 8.68 -8.90
CA PRO A 302 18.67 7.37 -8.29
C PRO A 302 19.71 7.03 -7.24
N VAL A 303 20.88 7.64 -7.31
CA VAL A 303 21.89 7.41 -6.29
C VAL A 303 21.43 7.96 -4.96
N LYS A 304 20.65 9.03 -5.00
CA LYS A 304 20.34 9.77 -3.79
C LYS A 304 18.91 9.59 -3.31
N HIS A 305 17.99 9.21 -4.19
CA HIS A 305 16.56 9.40 -3.94
C HIS A 305 15.77 8.14 -4.18
N THR A 306 14.72 8.02 -3.39
CA THR A 306 13.60 7.11 -3.62
C THR A 306 12.76 7.63 -4.77
N ILE A 307 12.04 6.73 -5.44
CA ILE A 307 10.92 7.11 -6.27
C ILE A 307 9.80 7.58 -5.35
N LYS A 308 9.33 8.80 -5.57
CA LYS A 308 8.26 9.37 -4.76
C LYS A 308 6.90 8.84 -5.21
N HIS A 309 6.11 8.36 -4.24
CA HIS A 309 4.91 7.57 -4.48
C HIS A 309 3.89 7.91 -3.40
N ALA A 310 2.63 8.06 -3.83
CA ALA A 310 1.49 8.35 -2.99
C ALA A 310 0.47 7.22 -3.12
N TRP A 311 -0.06 6.75 -1.98
CA TRP A 311 -1.12 5.75 -1.94
C TRP A 311 -2.34 6.38 -1.29
N MET A 312 -3.31 6.81 -2.10
CA MET A 312 -4.39 7.66 -1.67
C MET A 312 -5.68 6.84 -1.61
N PRO A 313 -6.28 6.70 -0.44
CA PRO A 313 -7.58 6.01 -0.36
C PRO A 313 -8.61 6.68 -1.26
N MET A 314 -9.48 5.87 -1.83
CA MET A 314 -10.61 6.45 -2.57
C MET A 314 -11.73 6.90 -1.65
N ARG A 315 -11.80 6.35 -0.44
CA ARG A 315 -12.90 6.53 0.49
C ARG A 315 -12.40 6.95 1.86
N MET A 316 -13.33 7.25 2.78
CA MET A 316 -12.94 7.63 4.13
C MET A 316 -12.45 6.45 4.95
N LYS A 317 -12.51 5.25 4.40
CA LYS A 317 -11.91 4.05 4.94
C LYS A 317 -11.09 3.39 3.84
N TRP A 318 -10.03 2.70 4.22
CA TRP A 318 -9.17 2.08 3.23
C TRP A 318 -9.89 0.99 2.45
N THR A 319 -10.52 0.04 3.14
CA THR A 319 -10.99 -1.17 2.47
C THR A 319 -12.50 -1.38 2.50
N SER A 320 -13.28 -0.48 3.12
CA SER A 320 -14.72 -0.69 3.25
C SER A 320 -15.46 -0.05 2.10
N PRO A 321 -16.17 -0.83 1.26
CA PRO A 321 -17.01 -0.22 0.21
C PRO A 321 -18.14 0.62 0.75
N ARG A 322 -18.42 0.60 2.06
CA ARG A 322 -19.54 1.36 2.60
C ARG A 322 -19.15 2.74 3.04
N ALA A 323 -17.85 3.02 3.07
CA ALA A 323 -17.35 4.33 3.43
C ALA A 323 -17.61 5.31 2.30
N ASN A 324 -17.64 6.59 2.65
CA ASN A 324 -17.99 7.60 1.66
C ASN A 324 -16.88 7.72 0.62
N LEU A 325 -17.26 7.65 -0.65
CA LEU A 325 -16.34 7.87 -1.75
C LEU A 325 -15.95 9.34 -1.81
N MET A 326 -14.64 9.64 -1.77
CA MET A 326 -14.19 11.02 -1.59
C MET A 326 -13.70 11.67 -2.87
N PHE A 327 -13.65 10.93 -3.98
CA PHE A 327 -13.22 11.46 -5.26
C PHE A 327 -14.34 11.43 -6.28
N ASP A 328 -14.51 12.54 -7.00
CA ASP A 328 -15.18 12.48 -8.28
C ASP A 328 -14.12 12.28 -9.34
N VAL A 329 -14.56 12.18 -10.59
CA VAL A 329 -13.63 11.90 -11.68
C VAL A 329 -12.68 13.08 -11.92
N GLU A 330 -13.14 14.31 -11.74
CA GLU A 330 -12.25 15.44 -12.04
C GLU A 330 -11.09 15.50 -11.06
N GLN A 331 -11.33 15.29 -9.77
CA GLN A 331 -10.22 15.34 -8.81
C GLN A 331 -9.34 14.11 -8.92
N ALA A 332 -9.92 12.93 -9.16
CA ALA A 332 -9.09 11.74 -9.34
C ALA A 332 -8.15 11.91 -10.54
N TYR A 333 -8.69 12.40 -11.66
CA TYR A 333 -7.86 12.68 -12.84
C TYR A 333 -6.74 13.67 -12.53
N ARG A 334 -7.03 14.75 -11.79
CA ARG A 334 -5.98 15.70 -11.46
C ARG A 334 -4.92 15.06 -10.57
N PHE A 335 -5.34 14.21 -9.62
CA PHE A 335 -4.39 13.54 -8.74
C PHE A 335 -3.40 12.71 -9.56
N VAL A 336 -3.92 11.93 -10.51
CA VAL A 336 -3.07 11.04 -11.27
C VAL A 336 -2.20 11.84 -12.20
N ARG A 337 -2.77 12.85 -12.87
CA ARG A 337 -2.00 13.68 -13.77
C ARG A 337 -0.89 14.43 -13.05
N THR A 338 -1.22 15.14 -11.97
N THR A 338 -1.24 15.16 -11.99
CA THR A 338 -0.21 15.99 -11.36
CA THR A 338 -0.25 15.98 -11.30
C THR A 338 0.98 15.16 -10.89
C THR A 338 0.97 15.14 -10.92
N LEU A 339 0.72 13.99 -10.28
CA LEU A 339 1.80 13.14 -9.80
C LEU A 339 2.55 12.49 -10.95
N THR A 340 1.83 11.87 -11.91
CA THR A 340 2.55 11.11 -12.92
C THR A 340 3.22 12.01 -13.95
N ASP A 341 2.62 13.15 -14.30
CA ASP A 341 3.29 14.14 -15.13
C ASP A 341 4.68 14.42 -14.58
N GLY A 342 4.82 14.43 -13.26
CA GLY A 342 6.06 14.84 -12.61
C GLY A 342 7.00 13.70 -12.32
N GLY A 343 6.70 12.51 -12.81
CA GLY A 343 7.56 11.38 -12.57
C GLY A 343 7.35 10.73 -11.22
N CYS A 344 6.35 11.16 -10.45
CA CYS A 344 5.97 10.42 -9.26
C CYS A 344 5.08 9.27 -9.66
N ALA A 345 4.77 8.42 -8.68
CA ALA A 345 3.82 7.33 -8.83
C ALA A 345 2.63 7.57 -7.89
N ILE A 346 1.46 7.05 -8.28
CA ILE A 346 0.27 7.10 -7.45
C ILE A 346 -0.40 5.73 -7.50
N THR A 347 -0.85 5.30 -6.34
CA THR A 347 -1.69 4.12 -6.23
C THR A 347 -3.00 4.51 -5.57
N TRP A 348 -4.10 4.00 -6.08
CA TRP A 348 -5.39 4.19 -5.42
C TRP A 348 -5.63 3.12 -4.36
N GLY A 349 -6.24 3.53 -3.26
CA GLY A 349 -6.74 2.59 -2.28
C GLY A 349 -8.14 2.17 -2.64
N ASN A 350 -8.25 1.27 -3.61
CA ASN A 350 -9.54 0.78 -4.05
C ASN A 350 -10.09 -0.27 -3.09
N THR A 351 -11.41 -0.43 -3.11
CA THR A 351 -12.10 -1.51 -2.41
C THR A 351 -12.59 -2.55 -3.42
N GLN A 352 -12.82 -3.78 -2.93
CA GLN A 352 -13.24 -4.93 -3.74
C GLN A 352 -14.53 -5.49 -3.17
N THR A 353 -15.36 -6.03 -4.05
CA THR A 353 -16.54 -6.78 -3.67
C THR A 353 -16.58 -8.04 -4.50
N ASN A 354 -16.67 -9.20 -3.83
CA ASN A 354 -16.74 -10.48 -4.54
C ASN A 354 -15.53 -10.69 -5.45
N GLY A 355 -14.40 -10.12 -5.08
CA GLY A 355 -13.17 -10.31 -5.84
C GLY A 355 -12.91 -9.33 -6.96
N SER A 356 -13.80 -8.36 -7.20
CA SER A 356 -13.58 -7.35 -8.23
C SER A 356 -13.72 -5.96 -7.64
N MET A 357 -13.00 -5.03 -8.23
CA MET A 357 -13.09 -3.66 -7.77
C MET A 357 -14.53 -3.19 -7.72
N THR A 358 -14.84 -2.44 -6.68
CA THR A 358 -16.17 -1.86 -6.54
C THR A 358 -16.52 -0.99 -7.75
N LYS A 359 -17.73 -1.17 -8.26
CA LYS A 359 -18.08 -0.59 -9.56
C LYS A 359 -17.93 0.92 -9.58
N GLU A 360 -18.43 1.60 -8.56
CA GLU A 360 -18.39 3.06 -8.55
C GLU A 360 -16.95 3.58 -8.68
N GLU A 361 -16.00 2.83 -8.14
CA GLU A 361 -14.59 3.19 -8.27
C GLU A 361 -14.04 2.82 -9.64
N MET A 362 -14.40 1.64 -10.15
CA MET A 362 -13.97 1.25 -11.49
C MET A 362 -14.48 2.24 -12.54
N ASP A 363 -15.69 2.75 -12.36
CA ASP A 363 -16.19 3.76 -13.30
C ASP A 363 -15.27 4.97 -13.36
N ILE A 364 -14.76 5.39 -12.20
CA ILE A 364 -13.83 6.50 -12.15
C ILE A 364 -12.49 6.09 -12.77
N MET A 365 -11.99 4.92 -12.40
CA MET A 365 -10.72 4.50 -12.95
C MET A 365 -10.78 4.46 -14.46
N LYS A 366 -11.88 3.94 -15.01
CA LYS A 366 -12.05 3.83 -16.45
C LYS A 366 -12.07 5.19 -17.12
N GLU A 367 -12.69 6.19 -16.50
CA GLU A 367 -12.71 7.50 -17.13
C GLU A 367 -11.32 8.16 -17.05
N VAL A 368 -10.61 8.00 -15.94
CA VAL A 368 -9.22 8.45 -15.87
C VAL A 368 -8.44 7.81 -17.02
N ASP A 369 -8.58 6.50 -17.17
CA ASP A 369 -7.84 5.77 -18.19
C ASP A 369 -8.17 6.27 -19.58
N ARG A 370 -9.46 6.48 -19.85
CA ARG A 370 -9.88 6.98 -21.16
C ARG A 370 -9.16 8.28 -21.48
N ARG A 371 -9.13 9.22 -20.54
CA ARG A 371 -8.48 10.50 -20.76
C ARG A 371 -6.98 10.35 -20.95
N LEU A 372 -6.36 9.46 -20.18
CA LEU A 372 -4.93 9.24 -20.31
C LEU A 372 -4.56 8.66 -21.67
N ARG A 373 -5.49 7.96 -22.33
CA ARG A 373 -5.19 7.44 -23.66
C ARG A 373 -5.36 8.49 -24.75
N MET A 374 -5.97 9.63 -24.47
CA MET A 374 -6.19 10.61 -25.52
C MET A 374 -4.90 11.37 -25.81
N ARG A 375 -4.77 11.85 -27.04
CA ARG A 375 -3.55 12.51 -27.49
C ARG A 375 -3.98 13.81 -28.15
N PRO A 376 -3.78 14.96 -27.51
CA PRO A 376 -3.21 15.13 -26.18
C PRO A 376 -4.18 14.69 -25.09
N MET A 377 -3.67 14.38 -23.92
CA MET A 377 -4.55 14.17 -22.77
C MET A 377 -5.28 15.47 -22.44
N PRO A 378 -6.56 15.42 -22.12
CA PRO A 378 -7.27 16.66 -21.80
C PRO A 378 -6.67 17.29 -20.56
N ASP A 379 -6.66 18.63 -20.53
CA ASP A 379 -6.25 19.30 -19.30
C ASP A 379 -7.17 18.88 -18.16
N TYR A 380 -6.60 18.79 -16.97
CA TYR A 380 -7.41 18.59 -15.78
C TYR A 380 -7.93 19.92 -15.28
N ILE A 381 -9.01 19.87 -14.52
CA ILE A 381 -9.49 21.11 -13.91
C ILE A 381 -8.46 21.60 -12.91
N PRO A 382 -8.03 22.85 -12.97
CA PRO A 382 -6.98 23.31 -12.06
C PRO A 382 -7.41 23.25 -10.60
N TYR A 383 -6.46 22.92 -9.75
CA TYR A 383 -6.66 22.99 -8.31
C TYR A 383 -6.87 24.43 -7.86
N LYS A 384 -7.94 24.67 -7.12
CA LYS A 384 -8.19 25.95 -6.46
C LYS A 384 -8.52 25.63 -5.00
N ARG A 385 -8.04 26.45 -4.09
CA ARG A 385 -8.35 26.15 -2.70
C ARG A 385 -9.86 26.20 -2.48
N PRO A 386 -10.45 25.19 -1.86
CA PRO A 386 -11.90 25.21 -1.65
C PRO A 386 -12.30 26.42 -0.84
N ALA A 387 -13.52 26.88 -1.05
CA ALA A 387 -14.05 27.97 -0.25
C ALA A 387 -14.05 27.57 1.21
N GLY A 388 -13.55 28.46 2.07
CA GLY A 388 -13.52 28.20 3.49
C GLY A 388 -12.36 27.34 3.96
N ALA A 389 -11.59 26.75 3.05
CA ALA A 389 -10.50 25.85 3.45
C ALA A 389 -9.33 26.67 3.96
N LYS A 390 -8.77 26.28 5.11
CA LYS A 390 -7.75 27.11 5.71
C LYS A 390 -6.93 26.33 6.73
N LEU A 391 -5.71 26.80 6.92
CA LEU A 391 -4.80 26.33 7.95
C LEU A 391 -5.12 27.00 9.28
N VAL A 392 -4.83 26.29 10.36
CA VAL A 392 -4.89 26.88 11.69
C VAL A 392 -4.16 28.22 11.71
N GLY A 393 -2.98 28.25 11.11
CA GLY A 393 -2.14 29.44 11.10
C GLY A 393 -2.63 30.58 10.23
N GLU A 394 -3.79 30.43 9.61
CA GLU A 394 -4.36 31.49 8.78
C GLU A 394 -5.48 32.15 9.59
#